data_2QKR
#
_entry.id   2QKR
#
_cell.length_a   64.133
_cell.length_b   64.133
_cell.length_c   201.153
_cell.angle_alpha   90.000
_cell.angle_beta   90.000
_cell.angle_gamma   90.000
#
_symmetry.space_group_name_H-M   'P 43 21 2'
#
loop_
_entity.id
_entity.type
_entity.pdbx_description
1 polymer 'Cdc2-like CDK2/CDC28 like protein kinase'
2 non-polymer "(Z)-1H,1'H-[2,3']BIINDOLYLIDENE-3,2'-DIONE-3-OXIME"
3 water water
#
_entity_poly.entity_id   1
_entity_poly.type   'polypeptide(L)'
_entity_poly.pdbx_seq_one_letter_code
;MHHHHHHSSGRENLYFQGLMEKYQKLEKVGEGTYGVVYKAKDSQGRIVALKRIRLDAEDEGIPSTAIREISLLKELHHPN
IVSLIDVIHSERCLTLVFEFMEKDLKKVLDENKTGLQDSQIKIYLYQLLRGVAHCHQHRILHRDLKPQNLLINSDGALKL
ADFGLARAFGIPVRSYTHEVVTLWYRAPDVLMGSKKYSTSVDIWSIGCIFAEMITGKPLFPGVTDDDQLPKIFSILGTPN
PREWPQVQELPLWKQRTFQVFEKKPWSSIIPGFCQEGIDLLSNMLCFDPNKRISARDAMNHPYFKDLDPQIMI
;
_entity_poly.pdbx_strand_id   A
#
loop_
_chem_comp.id
_chem_comp.type
_chem_comp.name
_chem_comp.formula
IXM non-polymer (Z)-1H,1'H-[2,3']BIINDOLYLIDENE-3,2'-DIONE-3-OXIME 'C16 H11 N3 O2'
#
# COMPACT_ATOMS: atom_id res chain seq x y z
N TYR A 15 -30.88 11.71 -6.95
CA TYR A 15 -30.55 10.84 -8.13
C TYR A 15 -29.65 11.55 -9.13
N PHE A 16 -28.42 11.05 -9.24
CA PHE A 16 -27.41 11.65 -10.12
C PHE A 16 -27.14 10.80 -11.36
N GLN A 17 -27.18 11.44 -12.53
CA GLN A 17 -26.90 10.77 -13.79
C GLN A 17 -25.41 10.61 -14.06
N GLY A 18 -24.99 9.35 -14.20
CA GLY A 18 -23.66 9.04 -14.70
C GLY A 18 -23.71 8.95 -16.21
N LEU A 19 -22.68 8.37 -16.80
CA LEU A 19 -22.67 8.14 -18.23
C LEU A 19 -23.18 6.74 -18.57
N MET A 20 -23.23 5.89 -17.54
CA MET A 20 -23.60 4.49 -17.71
C MET A 20 -24.96 4.16 -17.10
N GLU A 21 -25.29 4.80 -15.97
CA GLU A 21 -26.49 4.51 -15.17
C GLU A 21 -26.84 5.69 -14.24
N LYS A 22 -28.06 5.57 -13.63
CA LYS A 22 -28.52 6.51 -12.59
C LYS A 22 -28.28 5.92 -11.21
N TYR A 23 -27.92 6.76 -10.25
CA TYR A 23 -27.58 6.27 -8.91
C TYR A 23 -28.30 7.04 -7.79
N LEU A 26 -28.50 4.20 -0.51
CA LEU A 26 -27.72 5.43 -0.55
C LEU A 26 -27.40 5.98 0.87
N GLU A 27 -26.62 5.21 1.62
CA GLU A 27 -26.14 5.62 2.96
C GLU A 27 -24.83 6.41 2.88
N LYS A 28 -24.48 7.10 3.97
CA LYS A 28 -23.23 7.85 4.06
C LYS A 28 -22.19 7.11 4.88
N VAL A 29 -21.02 6.86 4.28
CA VAL A 29 -19.95 6.09 4.92
C VAL A 29 -18.55 6.72 4.75
N GLY A 30 -18.52 8.04 4.54
CA GLY A 30 -17.32 8.74 4.03
C GLY A 30 -16.34 9.34 5.02
N GLU A 31 -15.22 9.86 4.48
CA GLU A 31 -14.10 10.37 5.27
C GLU A 31 -13.11 11.22 4.44
N GLY A 32 -12.17 11.88 5.14
CA GLY A 32 -11.10 12.64 4.51
C GLY A 32 -11.55 13.91 3.83
N VAL A 36 -15.28 11.98 0.62
CA VAL A 36 -16.69 11.79 0.96
C VAL A 36 -17.28 10.61 0.18
N VAL A 37 -17.29 9.43 0.81
CA VAL A 37 -17.80 8.21 0.17
C VAL A 37 -19.22 7.86 0.64
N TYR A 38 -20.11 7.63 -0.31
CA TYR A 38 -21.45 7.13 -0.02
C TYR A 38 -21.60 5.68 -0.46
N LYS A 39 -22.70 5.05 -0.05
CA LYS A 39 -23.15 3.78 -0.62
C LYS A 39 -24.26 4.14 -1.60
N ALA A 40 -24.47 3.33 -2.63
CA ALA A 40 -25.45 3.70 -3.64
C ALA A 40 -26.15 2.54 -4.32
N LYS A 41 -27.27 2.88 -4.96
CA LYS A 41 -28.09 1.92 -5.69
C LYS A 41 -28.21 2.27 -7.17
N ASP A 42 -27.92 1.25 -7.99
CA ASP A 42 -28.14 1.28 -9.43
C ASP A 42 -29.63 1.23 -9.73
N SER A 43 -30.01 1.51 -10.98
CA SER A 43 -31.40 1.35 -11.43
C SER A 43 -31.81 -0.11 -11.57
N GLN A 44 -30.86 -1.03 -11.47
CA GLN A 44 -31.14 -2.45 -11.66
C GLN A 44 -30.74 -3.30 -10.46
N ARG A 46 -28.11 -3.09 -8.75
CA ARG A 46 -26.73 -3.37 -8.33
C ARG A 46 -26.19 -2.30 -7.38
N ILE A 47 -25.47 -2.77 -6.37
CA ILE A 47 -24.89 -1.89 -5.36
C ILE A 47 -23.53 -1.36 -5.85
N VAL A 48 -23.32 -0.06 -5.70
CA VAL A 48 -22.07 0.60 -6.08
C VAL A 48 -21.59 1.51 -4.93
N ALA A 49 -20.45 2.19 -5.13
CA ALA A 49 -19.98 3.17 -4.16
C ALA A 49 -19.66 4.49 -4.85
N LEU A 50 -19.97 5.61 -4.19
CA LEU A 50 -19.80 6.93 -4.79
C LEU A 50 -18.78 7.78 -4.05
N LYS A 51 -17.67 8.09 -4.71
CA LYS A 51 -16.62 8.91 -4.12
C LYS A 51 -16.76 10.35 -4.64
N ARG A 52 -17.04 11.29 -3.73
CA ARG A 52 -17.23 12.71 -4.07
C ARG A 52 -15.98 13.56 -3.83
N ILE A 53 -15.89 14.68 -4.55
CA ILE A 53 -14.74 15.58 -4.43
C ILE A 53 -15.16 17.04 -4.17
N SER A 64 -8.91 17.49 -10.03
CA SER A 64 -7.45 17.42 -10.13
C SER A 64 -6.92 15.98 -9.96
N THR A 65 -6.77 15.53 -8.72
CA THR A 65 -6.35 14.15 -8.44
C THR A 65 -7.48 13.15 -8.77
N ALA A 66 -8.66 13.69 -9.09
CA ALA A 66 -9.81 12.88 -9.49
C ALA A 66 -9.77 12.50 -10.97
N ILE A 67 -9.43 13.46 -11.83
CA ILE A 67 -9.25 13.15 -13.25
C ILE A 67 -8.06 12.20 -13.41
N ARG A 68 -6.97 12.48 -12.70
CA ARG A 68 -5.83 11.59 -12.65
C ARG A 68 -6.34 10.17 -12.37
N GLU A 69 -7.06 10.03 -11.25
CA GLU A 69 -7.58 8.74 -10.81
C GLU A 69 -8.42 7.99 -11.86
N ILE A 70 -9.15 8.72 -12.70
CA ILE A 70 -9.92 8.07 -13.78
C ILE A 70 -9.00 7.52 -14.87
N SER A 71 -8.06 8.34 -15.34
CA SER A 71 -7.17 7.95 -16.43
C SER A 71 -6.33 6.76 -16.02
N LEU A 72 -5.77 6.84 -14.81
CA LEU A 72 -5.00 5.74 -14.26
C LEU A 72 -5.85 4.48 -14.07
N LEU A 73 -7.04 4.61 -13.48
CA LEU A 73 -7.88 3.44 -13.21
C LEU A 73 -8.42 2.77 -14.46
N LYS A 74 -8.66 3.55 -15.52
CA LYS A 74 -9.04 2.97 -16.81
C LYS A 74 -7.89 2.09 -17.36
N GLU A 75 -6.67 2.44 -16.98
CA GLU A 75 -5.50 1.69 -17.41
C GLU A 75 -5.33 0.41 -16.58
N LEU A 76 -6.05 0.30 -15.46
CA LEU A 76 -5.83 -0.79 -14.52
C LEU A 76 -7.06 -1.69 -14.32
N HIS A 77 -7.20 -2.69 -15.17
CA HIS A 77 -8.31 -3.64 -15.05
C HIS A 77 -7.80 -4.97 -14.50
N HIS A 78 -8.12 -5.24 -13.24
CA HIS A 78 -7.54 -6.36 -12.53
C HIS A 78 -8.44 -6.72 -11.35
N PRO A 79 -8.63 -8.02 -11.10
CA PRO A 79 -9.45 -8.50 -9.97
C PRO A 79 -9.03 -7.94 -8.61
N ASN A 80 -7.78 -7.48 -8.52
CA ASN A 80 -7.22 -6.98 -7.27
C ASN A 80 -7.05 -5.47 -7.26
N ILE A 81 -7.64 -4.81 -8.24
CA ILE A 81 -7.74 -3.37 -8.26
C ILE A 81 -9.21 -3.02 -8.32
N VAL A 82 -9.68 -2.28 -7.32
CA VAL A 82 -11.07 -1.82 -7.27
C VAL A 82 -11.41 -1.14 -8.59
N SER A 83 -12.47 -1.61 -9.24
CA SER A 83 -12.76 -1.13 -10.58
C SER A 83 -13.71 0.09 -10.59
N LEU A 84 -13.42 1.03 -11.48
CA LEU A 84 -14.22 2.22 -11.69
C LEU A 84 -15.22 1.92 -12.78
N ILE A 85 -16.49 2.09 -12.49
CA ILE A 85 -17.51 1.68 -13.43
C ILE A 85 -18.19 2.85 -14.16
N ASP A 86 -18.19 4.03 -13.52
CA ASP A 86 -18.84 5.21 -14.09
C ASP A 86 -18.32 6.50 -13.47
N VAL A 87 -18.70 7.63 -14.06
CA VAL A 87 -18.34 8.96 -13.55
C VAL A 87 -19.51 9.93 -13.71
N ILE A 88 -19.69 10.79 -12.71
CA ILE A 88 -20.75 11.78 -12.72
C ILE A 88 -20.11 13.14 -12.57
N HIS A 89 -20.34 14.00 -13.56
CA HIS A 89 -19.79 15.35 -13.55
C HIS A 89 -20.89 16.32 -13.21
N SER A 90 -20.68 17.10 -12.15
CA SER A 90 -21.58 18.20 -11.84
C SER A 90 -20.74 19.41 -11.45
N GLU A 91 -21.34 20.59 -11.53
CA GLU A 91 -20.66 21.81 -11.11
C GLU A 91 -20.71 21.95 -9.58
N CYS A 93 -18.97 19.44 -8.60
CA CYS A 93 -18.48 18.26 -7.89
C CYS A 93 -18.43 17.00 -8.76
N LEU A 94 -17.25 16.37 -8.81
CA LEU A 94 -17.05 15.09 -9.50
C LEU A 94 -17.35 13.89 -8.59
N THR A 95 -18.07 12.91 -9.12
CA THR A 95 -18.35 11.68 -8.39
C THR A 95 -17.86 10.46 -9.16
N LEU A 96 -17.00 9.70 -8.52
CA LEU A 96 -16.49 8.48 -9.11
C LEU A 96 -17.33 7.32 -8.63
N VAL A 97 -17.85 6.54 -9.57
CA VAL A 97 -18.67 5.39 -9.23
C VAL A 97 -17.79 4.14 -9.24
N PHE A 98 -17.78 3.43 -8.12
CA PHE A 98 -16.94 2.24 -7.94
C PHE A 98 -17.73 0.98 -7.61
N GLU A 99 -17.12 -0.18 -7.85
CA GLU A 99 -17.69 -1.44 -7.41
C GLU A 99 -17.73 -1.39 -5.89
N PHE A 100 -18.75 -2.00 -5.28
CA PHE A 100 -18.87 -1.91 -3.84
C PHE A 100 -18.03 -2.93 -3.11
N MET A 101 -17.51 -2.51 -1.96
CA MET A 101 -16.58 -3.28 -1.16
C MET A 101 -16.94 -3.15 0.32
N GLU A 102 -17.29 -4.30 0.92
CA GLU A 102 -17.78 -4.38 2.29
C GLU A 102 -16.95 -3.60 3.32
N LYS A 103 -15.62 -3.74 3.23
CA LYS A 103 -14.72 -3.23 4.27
C LYS A 103 -13.32 -2.95 3.73
N ASP A 104 -12.46 -2.41 4.62
CA ASP A 104 -11.05 -2.27 4.35
C ASP A 104 -10.20 -3.01 5.39
N LEU A 105 -8.93 -3.22 5.06
CA LEU A 105 -8.02 -3.94 5.95
C LEU A 105 -7.77 -3.23 7.28
N LYS A 106 -7.91 -1.90 7.30
CA LYS A 106 -7.84 -1.14 8.56
C LYS A 106 -8.83 -1.70 9.57
N LYS A 107 -10.01 -2.06 9.08
CA LYS A 107 -11.10 -2.57 9.92
C LYS A 107 -10.90 -4.03 10.31
N VAL A 108 -10.32 -4.83 9.41
CA VAL A 108 -9.98 -6.23 9.71
C VAL A 108 -8.92 -6.29 10.83
N LEU A 109 -7.98 -5.34 10.83
CA LEU A 109 -6.96 -5.30 11.87
C LEU A 109 -7.49 -4.85 13.24
N ASP A 110 -8.66 -4.22 13.26
CA ASP A 110 -9.32 -3.84 14.51
C ASP A 110 -10.09 -5.00 15.13
N GLU A 111 -10.50 -5.94 14.28
CA GLU A 111 -11.12 -7.18 14.76
C GLU A 111 -10.07 -8.25 15.09
N ASN A 112 -8.82 -8.00 14.71
CA ASN A 112 -7.73 -8.95 14.98
C ASN A 112 -6.50 -8.27 15.56
N LYS A 113 -6.63 -7.88 16.82
CA LYS A 113 -5.68 -7.00 17.48
C LYS A 113 -4.29 -7.60 17.72
N THR A 114 -4.19 -8.93 17.62
CA THR A 114 -2.90 -9.64 17.75
C THR A 114 -2.49 -10.34 16.45
N GLY A 115 -3.06 -9.86 15.34
CA GLY A 115 -2.73 -10.40 14.03
C GLY A 115 -3.74 -11.39 13.49
N LEU A 116 -3.46 -11.88 12.29
CA LEU A 116 -4.36 -12.76 11.57
C LEU A 116 -3.80 -14.18 11.51
N GLN A 117 -4.67 -15.12 11.18
CA GLN A 117 -4.29 -16.50 10.91
C GLN A 117 -3.31 -16.57 9.75
N ASP A 118 -2.27 -17.39 9.90
CA ASP A 118 -1.30 -17.65 8.83
C ASP A 118 -1.92 -17.99 7.48
N SER A 119 -3.11 -18.59 7.51
CA SER A 119 -3.82 -18.93 6.31
C SER A 119 -4.19 -17.62 5.60
N GLN A 120 -4.60 -16.64 6.40
CA GLN A 120 -5.13 -15.37 5.91
C GLN A 120 -4.06 -14.37 5.50
N ILE A 121 -3.08 -14.14 6.39
CA ILE A 121 -1.96 -13.29 6.06
C ILE A 121 -1.47 -13.65 4.66
N LYS A 122 -1.22 -14.95 4.44
CA LYS A 122 -0.76 -15.45 3.16
C LYS A 122 -1.70 -14.98 2.04
N ILE A 123 -3.01 -15.21 2.23
CA ILE A 123 -4.04 -14.86 1.24
C ILE A 123 -4.09 -13.38 0.92
N TYR A 124 -4.21 -12.54 1.96
CA TYR A 124 -4.27 -11.11 1.77
C TYR A 124 -2.98 -10.59 1.13
N LEU A 125 -1.84 -10.98 1.71
CA LEU A 125 -0.54 -10.60 1.19
C LEU A 125 -0.40 -10.99 -0.26
N TYR A 126 -0.83 -12.19 -0.62
CA TYR A 126 -0.66 -12.62 -2.00
C TYR A 126 -1.45 -11.72 -2.95
N GLN A 127 -2.67 -11.41 -2.56
CA GLN A 127 -3.52 -10.60 -3.43
C GLN A 127 -2.98 -9.19 -3.53
N LEU A 128 -2.39 -8.72 -2.45
CA LEU A 128 -1.78 -7.40 -2.40
C LEU A 128 -0.65 -7.35 -3.42
N LEU A 129 0.19 -8.37 -3.41
CA LEU A 129 1.29 -8.46 -4.37
C LEU A 129 0.79 -8.57 -5.80
N ARG A 130 -0.27 -9.32 -6.02
CA ARG A 130 -0.81 -9.48 -7.38
C ARG A 130 -1.34 -8.17 -7.99
N GLY A 131 -2.08 -7.40 -7.19
CA GLY A 131 -2.53 -6.08 -7.62
C GLY A 131 -1.36 -5.16 -7.92
N VAL A 132 -0.46 -5.02 -6.94
CA VAL A 132 0.69 -4.16 -7.08
C VAL A 132 1.59 -4.58 -8.25
N ALA A 133 1.71 -5.88 -8.51
CA ALA A 133 2.50 -6.36 -9.65
C ALA A 133 1.88 -5.89 -10.95
N HIS A 134 0.55 -5.94 -11.03
CA HIS A 134 -0.16 -5.46 -12.20
C HIS A 134 0.12 -3.98 -12.45
N CYS A 135 0.07 -3.16 -11.40
CA CYS A 135 0.42 -1.74 -11.50
C CYS A 135 1.82 -1.55 -12.09
N HIS A 136 2.77 -2.32 -11.58
CA HIS A 136 4.16 -2.15 -11.95
C HIS A 136 4.44 -2.63 -13.38
N GLN A 137 3.72 -3.65 -13.79
CA GLN A 137 3.79 -4.07 -15.18
C GLN A 137 3.25 -2.95 -16.08
N HIS A 138 2.20 -2.26 -15.62
CA HIS A 138 1.62 -1.16 -16.37
C HIS A 138 2.27 0.23 -16.14
N ARG A 139 3.46 0.25 -15.52
CA ARG A 139 4.23 1.48 -15.31
C ARG A 139 3.57 2.50 -14.38
N ILE A 140 2.91 2.01 -13.34
CA ILE A 140 2.21 2.87 -12.39
C ILE A 140 2.58 2.45 -10.97
N LEU A 141 2.78 3.42 -10.08
CA LEU A 141 3.06 3.17 -8.68
C LEU A 141 1.91 3.72 -7.84
N HIS A 142 1.36 2.90 -6.94
CA HIS A 142 0.36 3.40 -6.02
C HIS A 142 0.95 4.53 -5.17
N ARG A 143 2.05 4.25 -4.48
CA ARG A 143 2.79 5.20 -3.64
C ARG A 143 2.13 5.56 -2.33
N ASP A 144 0.98 4.98 -2.02
CA ASP A 144 0.34 5.24 -0.73
C ASP A 144 -0.43 4.03 -0.23
N LEU A 145 0.20 2.87 -0.34
CA LEU A 145 -0.41 1.66 0.13
C LEU A 145 -0.42 1.68 1.65
N LYS A 146 -1.54 1.22 2.20
CA LYS A 146 -1.75 1.14 3.63
C LYS A 146 -3.09 0.42 3.81
N PRO A 147 -3.33 -0.14 5.00
CA PRO A 147 -4.50 -1.02 5.23
C PRO A 147 -5.85 -0.45 4.79
N GLN A 148 -6.13 0.81 5.08
CA GLN A 148 -7.40 1.42 4.67
C GLN A 148 -7.54 1.64 3.16
N ASN A 149 -6.41 1.66 2.44
CA ASN A 149 -6.43 1.76 0.98
C ASN A 149 -6.52 0.38 0.34
N LEU A 150 -6.68 -0.64 1.18
CA LEU A 150 -6.90 -2.00 0.70
C LEU A 150 -8.31 -2.45 1.09
N LEU A 151 -9.18 -2.52 0.09
CA LEU A 151 -10.56 -2.92 0.36
C LEU A 151 -10.69 -4.43 0.23
N ILE A 152 -11.57 -5.02 1.03
CA ILE A 152 -11.86 -6.45 0.95
C ILE A 152 -13.37 -6.65 0.86
N ASN A 153 -13.79 -7.53 -0.06
CA ASN A 153 -15.19 -7.89 -0.15
C ASN A 153 -15.43 -9.27 0.50
N SER A 154 -16.70 -9.56 0.78
CA SER A 154 -17.03 -10.80 1.48
C SER A 154 -17.17 -11.95 0.48
N ASP A 155 -16.01 -12.48 0.12
CA ASP A 155 -15.84 -13.57 -0.84
C ASP A 155 -14.43 -14.13 -0.70
N ALA A 157 -10.91 -11.81 -0.61
CA ALA A 157 -10.76 -11.17 -1.94
C ALA A 157 -10.57 -9.66 -1.80
N LEU A 158 -9.32 -9.23 -1.99
CA LEU A 158 -8.87 -7.90 -1.62
C LEU A 158 -8.33 -7.06 -2.82
N LYS A 159 -8.52 -5.74 -2.75
CA LYS A 159 -8.31 -4.86 -3.91
C LYS A 159 -7.71 -3.51 -3.56
N LEU A 160 -6.79 -3.03 -4.40
CA LEU A 160 -6.15 -1.72 -4.21
C LEU A 160 -7.09 -0.58 -4.58
N ALA A 161 -7.11 0.45 -3.76
CA ALA A 161 -7.96 1.61 -4.02
C ALA A 161 -7.16 2.88 -3.81
N ASP A 162 -7.75 4.01 -4.16
CA ASP A 162 -7.22 5.34 -3.89
C ASP A 162 -5.91 5.60 -4.62
N PHE A 163 -6.01 5.87 -5.91
CA PHE A 163 -4.81 6.10 -6.71
C PHE A 163 -4.52 7.59 -6.87
N GLY A 164 -4.88 8.36 -5.86
CA GLY A 164 -4.73 9.81 -5.87
C GLY A 164 -3.30 10.29 -5.99
N LEU A 165 -2.37 9.52 -5.43
CA LEU A 165 -0.95 9.86 -5.42
C LEU A 165 -0.12 8.96 -6.31
N ALA A 166 -0.80 8.13 -7.12
CA ALA A 166 -0.14 7.22 -8.05
C ALA A 166 0.76 7.97 -9.03
N ARG A 167 1.79 7.30 -9.51
CA ARG A 167 2.77 7.91 -10.38
C ARG A 167 2.89 7.07 -11.63
N ALA A 168 2.34 7.59 -12.73
CA ALA A 168 2.55 6.98 -14.03
C ALA A 168 4.00 7.27 -14.48
N PHE A 169 4.67 6.26 -15.01
CA PHE A 169 6.06 6.37 -15.45
C PHE A 169 6.20 7.39 -16.56
N GLY A 170 6.93 8.47 -16.25
CA GLY A 170 7.28 9.49 -17.24
C GLY A 170 6.47 10.76 -17.10
N ILE A 171 5.38 10.71 -16.35
CA ILE A 171 4.55 11.89 -16.08
C ILE A 171 4.94 12.49 -14.71
N PRO A 172 5.28 13.79 -14.68
CA PRO A 172 5.67 14.51 -13.46
C PRO A 172 4.62 14.47 -12.35
N VAL A 173 5.10 14.48 -11.11
CA VAL A 173 4.27 14.40 -9.90
C VAL A 173 3.70 15.77 -9.53
N ARG A 174 2.49 15.78 -8.97
CA ARG A 174 1.84 17.01 -8.50
C ARG A 174 1.63 16.95 -6.98
N VAL A 180 -1.28 16.11 6.65
CA VAL A 180 -2.31 15.37 5.94
C VAL A 180 -2.15 13.84 6.14
N VAL A 181 -1.28 13.21 5.35
CA VAL A 181 -1.18 11.74 5.30
C VAL A 181 -0.29 11.12 6.40
N THR A 182 -0.53 9.85 6.70
CA THR A 182 0.36 9.08 7.56
C THR A 182 1.63 8.66 6.81
N LEU A 183 2.77 8.83 7.47
CA LEU A 183 4.05 8.51 6.87
C LEU A 183 4.53 7.12 7.26
N TRP A 184 3.65 6.32 7.84
CA TRP A 184 4.07 5.05 8.45
C TRP A 184 4.46 3.95 7.48
N TYR A 185 4.05 4.09 6.22
CA TYR A 185 4.32 3.06 5.23
C TYR A 185 5.26 3.55 4.14
N ARG A 186 5.87 4.71 4.35
CA ARG A 186 6.78 5.28 3.36
C ARG A 186 8.17 4.70 3.40
N ALA A 187 8.73 4.53 2.21
CA ALA A 187 10.10 4.08 2.05
C ALA A 187 11.07 5.10 2.65
N PRO A 188 12.09 4.63 3.38
CA PRO A 188 13.11 5.50 4.00
C PRO A 188 13.79 6.47 3.03
N ASP A 189 14.07 6.02 1.81
CA ASP A 189 14.72 6.86 0.82
C ASP A 189 13.84 7.99 0.32
N VAL A 190 12.53 7.73 0.21
CA VAL A 190 11.54 8.76 -0.13
C VAL A 190 11.53 9.78 0.99
N LEU A 191 11.41 9.30 2.22
CA LEU A 191 11.44 10.15 3.40
C LEU A 191 12.71 10.99 3.48
N MET A 192 13.76 10.51 2.82
CA MET A 192 15.05 11.18 2.81
C MET A 192 15.27 12.02 1.56
N GLY A 193 14.20 12.20 0.79
CA GLY A 193 14.23 13.13 -0.34
C GLY A 193 14.38 12.52 -1.72
N SER A 194 14.41 11.19 -1.82
CA SER A 194 14.49 10.58 -3.13
C SER A 194 13.27 11.02 -3.93
N LYS A 195 13.51 11.34 -5.20
CA LYS A 195 12.45 11.76 -6.11
C LYS A 195 12.31 10.77 -7.26
N LYS A 196 13.24 9.81 -7.34
CA LYS A 196 13.35 8.91 -8.47
C LYS A 196 12.23 7.88 -8.52
N TYR A 197 11.73 7.64 -9.73
CA TYR A 197 10.75 6.59 -9.99
C TYR A 197 11.37 5.24 -9.69
N SER A 198 10.66 4.44 -8.91
CA SER A 198 11.13 3.14 -8.46
C SER A 198 9.94 2.28 -7.96
N THR A 199 9.82 1.08 -8.51
CA THR A 199 8.83 0.11 -8.04
C THR A 199 9.06 -0.26 -6.56
N SER A 200 10.31 -0.20 -6.11
CA SER A 200 10.67 -0.53 -4.73
C SER A 200 9.86 0.23 -3.67
N VAL A 201 9.41 1.42 -4.01
CA VAL A 201 8.63 2.29 -3.11
C VAL A 201 7.32 1.61 -2.56
N ASP A 202 6.68 0.80 -3.39
CA ASP A 202 5.45 0.12 -2.96
C ASP A 202 5.78 -1.13 -2.17
N ILE A 203 6.91 -1.76 -2.49
CA ILE A 203 7.28 -3.00 -1.80
C ILE A 203 7.59 -2.72 -0.34
N TRP A 204 8.23 -1.58 -0.06
CA TRP A 204 8.37 -1.16 1.34
C TRP A 204 7.03 -1.12 2.04
N SER A 205 6.03 -0.60 1.36
CA SER A 205 4.73 -0.45 2.00
C SER A 205 4.09 -1.81 2.22
N ILE A 206 4.31 -2.72 1.27
CA ILE A 206 3.77 -4.06 1.38
C ILE A 206 4.43 -4.75 2.59
N GLY A 207 5.75 -4.58 2.72
CA GLY A 207 6.48 -5.03 3.90
C GLY A 207 5.85 -4.59 5.20
N CYS A 208 5.64 -3.28 5.36
CA CYS A 208 5.05 -2.75 6.61
C CYS A 208 3.66 -3.34 6.86
N ILE A 209 2.94 -3.60 5.77
CA ILE A 209 1.59 -4.18 5.88
C ILE A 209 1.69 -5.66 6.29
N PHE A 210 2.62 -6.37 5.66
CA PHE A 210 2.91 -7.77 5.97
C PHE A 210 3.18 -7.89 7.47
N ALA A 211 4.12 -7.09 7.96
CA ALA A 211 4.41 -7.07 9.39
C ALA A 211 3.20 -6.71 10.24
N GLU A 212 2.40 -5.76 9.78
CA GLU A 212 1.21 -5.35 10.53
C GLU A 212 0.18 -6.47 10.65
N MET A 213 0.07 -7.32 9.63
CA MET A 213 -0.87 -8.44 9.66
C MET A 213 -0.46 -9.55 10.63
N ILE A 214 0.84 -9.64 10.91
CA ILE A 214 1.39 -10.65 11.79
C ILE A 214 1.23 -10.26 13.26
N THR A 215 1.73 -9.08 13.63
CA THR A 215 1.60 -8.63 15.01
C THR A 215 0.21 -8.06 15.32
N GLY A 216 -0.50 -7.60 14.29
CA GLY A 216 -1.74 -6.86 14.49
C GLY A 216 -1.47 -5.36 14.62
N LYS A 217 -0.20 -4.98 14.70
CA LYS A 217 0.20 -3.60 15.03
C LYS A 217 1.11 -2.96 13.98
N PRO A 218 0.99 -1.64 13.75
CA PRO A 218 1.85 -0.96 12.78
C PRO A 218 3.35 -1.07 13.12
N LEU A 219 4.15 -1.48 12.14
CA LEU A 219 5.57 -1.71 12.33
C LEU A 219 6.38 -0.46 12.69
N PHE A 220 6.12 0.64 12.02
CA PHE A 220 6.89 1.86 12.25
C PHE A 220 6.02 3.07 12.60
N PRO A 221 5.33 3.05 13.76
CA PRO A 221 4.40 4.14 14.07
C PRO A 221 5.11 5.35 14.70
N GLY A 222 5.89 6.05 13.88
CA GLY A 222 6.52 7.30 14.29
C GLY A 222 5.49 8.21 14.96
N VAL A 223 5.89 8.79 16.09
CA VAL A 223 5.01 9.65 16.88
C VAL A 223 4.74 11.01 16.21
N THR A 224 5.76 11.56 15.53
CA THR A 224 5.60 12.73 14.66
C THR A 224 6.20 12.39 13.30
N ASP A 225 6.14 13.32 12.35
CA ASP A 225 6.74 13.11 11.04
C ASP A 225 8.26 13.02 11.11
N ASP A 226 8.87 13.78 12.02
CA ASP A 226 10.34 13.77 12.18
C ASP A 226 10.88 12.51 12.86
N ASP A 227 10.00 11.76 13.52
CA ASP A 227 10.38 10.56 14.26
C ASP A 227 10.35 9.31 13.36
N GLN A 228 9.85 9.46 12.13
CA GLN A 228 9.64 8.32 11.24
C GLN A 228 10.92 7.59 10.85
N LEU A 229 11.89 8.30 10.31
CA LEU A 229 13.19 7.69 10.00
C LEU A 229 13.87 7.12 11.26
N PRO A 230 13.97 7.93 12.35
CA PRO A 230 14.50 7.38 13.60
C PRO A 230 13.77 6.12 14.05
N LYS A 231 12.44 6.13 14.02
CA LYS A 231 11.65 4.94 14.36
C LYS A 231 12.07 3.74 13.50
N ILE A 232 12.10 3.93 12.18
CA ILE A 232 12.53 2.89 11.24
C ILE A 232 13.89 2.31 11.64
N PHE A 233 14.88 3.19 11.81
CA PHE A 233 16.24 2.74 12.12
C PHE A 233 16.34 2.09 13.50
N SER A 234 15.54 2.55 14.45
CA SER A 234 15.56 2.00 15.80
C SER A 234 15.17 0.51 15.81
N ILE A 235 14.59 0.04 14.72
CA ILE A 235 14.15 -1.34 14.60
C ILE A 235 15.00 -2.10 13.60
N LEU A 236 15.27 -1.48 12.44
CA LEU A 236 16.02 -2.16 11.38
C LEU A 236 17.50 -1.82 11.37
N GLY A 237 17.91 -0.98 12.31
CA GLY A 237 19.27 -0.46 12.35
C GLY A 237 19.38 0.74 11.44
N THR A 238 20.31 1.64 11.77
CA THR A 238 20.63 2.78 10.92
C THR A 238 21.43 2.27 9.72
N PRO A 239 21.08 2.71 8.50
CA PRO A 239 21.86 2.26 7.35
C PRO A 239 23.27 2.84 7.42
N ASN A 240 24.23 2.12 6.85
CA ASN A 240 25.58 2.65 6.78
C ASN A 240 26.06 2.74 5.35
N PRO A 241 26.84 3.79 5.03
CA PRO A 241 27.40 4.00 3.70
C PRO A 241 28.25 2.82 3.18
N ARG A 242 28.90 2.07 4.08
CA ARG A 242 29.69 0.89 3.68
C ARG A 242 28.85 -0.17 2.93
N GLU A 243 27.71 -0.56 3.49
CA GLU A 243 26.84 -1.53 2.82
C GLU A 243 25.98 -0.88 1.72
N TRP A 244 25.43 0.30 2.01
CA TRP A 244 24.56 1.04 1.07
C TRP A 244 25.18 2.41 0.74
N PRO A 245 26.10 2.47 -0.25
CA PRO A 245 26.92 3.66 -0.53
C PRO A 245 26.16 4.89 -1.02
N GLN A 246 24.85 4.75 -1.23
CA GLN A 246 24.09 5.74 -1.97
C GLN A 246 23.09 6.54 -1.13
N VAL A 247 22.98 6.19 0.16
CA VAL A 247 22.35 7.08 1.13
C VAL A 247 23.00 8.44 1.10
N GLN A 248 24.33 8.45 1.08
CA GLN A 248 25.11 9.68 1.11
C GLN A 248 24.66 10.69 0.06
N GLU A 249 24.12 10.18 -1.05
CA GLU A 249 23.68 11.02 -2.16
C GLU A 249 22.24 11.55 -1.98
N LEU A 250 21.62 11.24 -0.85
CA LEU A 250 20.23 11.64 -0.58
C LEU A 250 20.12 12.93 0.23
N PRO A 251 19.26 13.87 -0.21
CA PRO A 251 19.17 15.25 0.29
C PRO A 251 19.06 15.43 1.81
N LEU A 252 18.39 14.51 2.50
CA LEU A 252 18.19 14.63 3.95
C LEU A 252 19.28 13.92 4.75
N TRP A 253 20.15 13.20 4.04
CA TRP A 253 21.28 12.52 4.68
C TRP A 253 22.41 13.52 4.88
N LYS A 254 22.58 14.41 3.91
CA LYS A 254 23.59 15.48 3.97
C LYS A 254 23.18 16.57 4.96
N GLN A 255 21.87 16.75 5.14
CA GLN A 255 21.35 17.84 5.96
C GLN A 255 21.07 17.42 7.41
N ARG A 256 21.31 16.15 7.72
CA ARG A 256 20.99 15.60 9.04
C ARG A 256 21.84 14.38 9.37
N THR A 257 22.25 14.28 10.62
CA THR A 257 22.90 13.07 11.12
C THR A 257 21.89 12.30 11.95
N PHE A 258 22.00 10.97 11.93
CA PHE A 258 21.05 10.11 12.64
C PHE A 258 21.74 9.28 13.71
N GLN A 259 21.08 9.08 14.83
CA GLN A 259 21.59 8.18 15.87
C GLN A 259 21.78 6.78 15.27
N VAL A 260 22.90 6.14 15.59
CA VAL A 260 23.26 4.84 15.01
C VAL A 260 22.76 3.68 15.84
N PHE A 261 21.84 2.90 15.26
CA PHE A 261 21.28 1.71 15.90
C PHE A 261 21.74 0.43 15.23
N GLU A 262 21.75 -0.65 15.99
CA GLU A 262 21.87 -1.97 15.40
C GLU A 262 20.46 -2.49 15.12
N LYS A 263 20.35 -3.49 14.24
CA LYS A 263 19.07 -4.11 13.92
C LYS A 263 18.56 -4.92 15.11
N LYS A 264 17.27 -4.81 15.40
CA LYS A 264 16.63 -5.71 16.35
C LYS A 264 16.41 -7.06 15.66
N PRO A 265 16.81 -8.17 16.31
CA PRO A 265 16.57 -9.49 15.72
C PRO A 265 15.12 -9.65 15.31
N TRP A 266 14.90 -10.29 14.16
CA TRP A 266 13.54 -10.59 13.72
C TRP A 266 12.73 -11.33 14.78
N SER A 267 13.46 -11.94 15.73
CA SER A 267 12.87 -12.69 16.85
C SER A 267 12.02 -11.85 17.80
N SER A 268 12.39 -10.59 17.94
CA SER A 268 11.70 -9.70 18.85
C SER A 268 10.69 -8.81 18.14
N ILE A 269 10.92 -8.58 16.85
CA ILE A 269 10.01 -7.78 16.03
C ILE A 269 8.74 -8.59 15.73
N ILE A 270 8.92 -9.82 15.28
CA ILE A 270 7.81 -10.72 14.94
C ILE A 270 8.02 -12.13 15.53
N PRO A 271 7.76 -12.26 16.84
CA PRO A 271 8.02 -13.49 17.59
C PRO A 271 7.22 -14.69 17.08
N GLY A 272 7.92 -15.80 16.81
CA GLY A 272 7.27 -17.06 16.47
C GLY A 272 6.76 -17.22 15.04
N PHE A 273 7.07 -16.27 14.15
CA PHE A 273 6.63 -16.39 12.76
C PHE A 273 7.54 -17.32 11.98
N CYS A 274 6.99 -18.00 10.97
CA CYS A 274 7.77 -19.01 10.22
C CYS A 274 8.96 -18.41 9.44
N GLN A 275 10.06 -19.16 9.37
CA GLN A 275 11.30 -18.67 8.77
C GLN A 275 11.09 -18.11 7.36
N GLU A 276 10.34 -18.86 6.53
CA GLU A 276 9.99 -18.43 5.18
C GLU A 276 9.36 -17.04 5.15
N GLY A 277 8.45 -16.77 6.07
CA GLY A 277 7.81 -15.46 6.17
C GLY A 277 8.82 -14.37 6.50
N ILE A 278 9.64 -14.65 7.50
CA ILE A 278 10.70 -13.74 7.94
C ILE A 278 11.64 -13.39 6.78
N ASP A 279 12.08 -14.41 6.04
CA ASP A 279 12.93 -14.24 4.86
C ASP A 279 12.28 -13.29 3.85
N LEU A 280 11.02 -13.55 3.53
CA LEU A 280 10.29 -12.67 2.62
C LEU A 280 10.18 -11.25 3.16
N LEU A 281 9.72 -11.09 4.40
CA LEU A 281 9.57 -9.76 4.97
C LEU A 281 10.89 -9.00 4.93
N SER A 282 12.00 -9.70 5.23
CA SER A 282 13.30 -9.06 5.29
C SER A 282 13.76 -8.60 3.93
N ASN A 283 13.41 -9.36 2.90
CA ASN A 283 13.63 -8.98 1.51
C ASN A 283 12.73 -7.82 1.05
N MET A 284 11.61 -7.61 1.73
CA MET A 284 10.77 -6.44 1.45
C MET A 284 11.29 -5.20 2.15
N LEU A 285 12.05 -5.37 3.22
CA LEU A 285 12.38 -4.26 4.10
C LEU A 285 13.83 -3.80 4.06
N CYS A 286 14.61 -4.34 3.14
CA CYS A 286 15.99 -3.90 3.09
C CYS A 286 16.08 -2.49 2.53
N PHE A 287 17.10 -1.76 2.97
CA PHE A 287 17.18 -0.32 2.72
C PHE A 287 17.50 0.04 1.28
N ASP A 288 18.24 -0.84 0.62
CA ASP A 288 18.73 -0.63 -0.73
C ASP A 288 17.70 -0.99 -1.79
N PRO A 289 17.09 0.02 -2.43
CA PRO A 289 15.94 -0.23 -3.34
C PRO A 289 16.27 -1.21 -4.47
N ASN A 290 17.55 -1.33 -4.80
CA ASN A 290 18.05 -2.25 -5.82
C ASN A 290 18.17 -3.69 -5.34
N LYS A 291 18.12 -3.89 -4.03
CA LYS A 291 18.22 -5.23 -3.46
C LYS A 291 16.84 -5.72 -3.04
N ARG A 292 15.93 -4.77 -2.81
CA ARG A 292 14.58 -5.07 -2.41
C ARG A 292 13.88 -5.89 -3.48
N ILE A 293 13.13 -6.89 -3.02
CA ILE A 293 12.43 -7.83 -3.89
C ILE A 293 11.31 -7.15 -4.68
N SER A 294 11.09 -7.62 -5.90
CA SER A 294 9.97 -7.16 -6.72
C SER A 294 8.68 -7.91 -6.35
N ALA A 295 7.54 -7.27 -6.61
CA ALA A 295 6.25 -7.90 -6.40
C ALA A 295 6.18 -9.28 -7.05
N ARG A 296 6.56 -9.37 -8.32
CA ARG A 296 6.50 -10.63 -9.03
C ARG A 296 7.37 -11.72 -8.37
N ASP A 297 8.64 -11.41 -8.11
CA ASP A 297 9.52 -12.34 -7.41
C ASP A 297 8.96 -12.78 -6.04
N ALA A 298 8.37 -11.85 -5.32
CA ALA A 298 7.80 -12.13 -4.01
C ALA A 298 6.66 -13.14 -4.10
N MET A 299 5.89 -13.06 -5.20
CA MET A 299 4.84 -14.05 -5.44
C MET A 299 5.39 -15.46 -5.62
N ASN A 300 6.66 -15.60 -5.96
CA ASN A 300 7.27 -16.93 -6.16
C ASN A 300 8.08 -17.41 -4.99
N HIS A 301 8.09 -16.63 -3.92
CA HIS A 301 8.83 -16.98 -2.72
C HIS A 301 8.28 -18.31 -2.13
N PRO A 302 9.18 -19.15 -1.54
CA PRO A 302 8.73 -20.41 -0.93
C PRO A 302 7.65 -20.24 0.15
N TYR A 303 7.54 -19.06 0.72
CA TYR A 303 6.46 -18.77 1.66
C TYR A 303 5.09 -18.97 1.02
N PHE A 304 5.03 -18.85 -0.30
CA PHE A 304 3.78 -19.04 -1.05
C PHE A 304 3.71 -20.43 -1.70
N LYS A 305 4.57 -21.33 -1.23
CA LYS A 305 4.58 -22.72 -1.73
C LYS A 305 3.23 -23.41 -1.65
N ASP A 306 2.48 -23.14 -0.57
CA ASP A 306 1.25 -23.87 -0.28
C ASP A 306 -0.02 -23.20 -0.78
N LEU A 307 0.09 -21.95 -1.19
CA LEU A 307 -1.07 -21.19 -1.65
C LEU A 307 -1.35 -21.47 -3.11
N ASP A 308 -2.62 -21.72 -3.44
CA ASP A 308 -3.07 -21.82 -4.81
C ASP A 308 -2.88 -20.48 -5.52
N PRO A 309 -2.08 -20.45 -6.59
CA PRO A 309 -1.93 -19.20 -7.36
C PRO A 309 -3.16 -18.90 -8.22
N GLN A 310 -4.16 -19.80 -8.15
CA GLN A 310 -5.36 -19.79 -8.99
C GLN A 310 -5.04 -20.04 -10.46
C1 IXM B . -16.66 2.42 2.85
C2 IXM B . -15.97 2.78 1.71
C3 IXM B . -17.37 1.26 2.52
N4 IXM B . -17.12 0.96 1.23
C5 IXM B . -18.17 0.65 3.49
C7 IXM B . -18.26 1.20 4.77
C9 IXM B . -17.54 2.34 5.11
C11 IXM B . -16.74 2.95 4.15
C13 IXM B . -16.27 1.86 0.69
C14 IXM B . -15.81 1.80 -0.64
C15 IXM B . -16.25 0.83 -1.54
N16 IXM B . -15.66 0.98 -2.72
C17 IXM B . -14.81 2.01 -2.64
C18 IXM B . -14.87 2.56 -1.35
C19 IXM B . -13.95 2.56 -3.60
C20 IXM B . -13.14 3.65 -3.29
C21 IXM B . -13.20 4.21 -2.01
C22 IXM B . -14.05 3.66 -1.05
O23 IXM B . -17.08 -0.04 -1.29
N24 IXM B . -15.17 3.84 1.64
O39 IXM B . -15.06 4.71 2.69
#